data_3KGB
#
_entry.id   3KGB
#
_cell.length_a   71.630
_cell.length_b   72.280
_cell.length_c   61.680
_cell.angle_alpha   90.00
_cell.angle_beta   90.00
_cell.angle_gamma   90.00
#
_symmetry.space_group_name_H-M   'P 21 21 2'
#
loop_
_entity.id
_entity.type
_entity.pdbx_description
1 polymer 'Thymidylate synthase 1/2'
2 non-polymer 'CHLORIDE ION'
3 water water
#
_entity_poly.entity_id   1
_entity_poly.type   'polypeptide(L)'
_entity_poly.pdbx_seq_one_letter_code
;MPQDPRHPEHQYLDLVKHILENGARRMDRTGTGTLSVFGATMRFSLEDNTFPLLTTRRVFYRGVVEELLFFLRGETDSKV
LEKKGVRIWEKNGAKQFLQSVGIDREEGDLGPIYGFQWRHFGARYETSASSYEGKGVDQIASAIAAIRANPASRRIVVSA
WNPTDLGSMALPPCHVLFQFNVTDGKLSCAMYQRSGDMGLGVPFNIASYSLLTILVAHLTGLQPGEFVHFLGDAHVYLDH
VDSLRQQIQRPPRAFPKLFVSPKGPRTEPEHFQYEDFELVGYDPHPAIKMNMSA
;
_entity_poly.pdbx_strand_id   A
#
loop_
_chem_comp.id
_chem_comp.type
_chem_comp.name
_chem_comp.formula
CL non-polymer 'CHLORIDE ION' 'Cl -1'
#
# COMPACT_ATOMS: atom_id res chain seq x y z
N HIS A 7 17.81 -4.01 -11.54
CA HIS A 7 16.76 -3.05 -11.03
C HIS A 7 15.42 -3.76 -10.71
N PRO A 8 14.93 -3.64 -9.46
CA PRO A 8 13.68 -4.29 -9.04
C PRO A 8 12.42 -3.88 -9.82
N GLU A 9 12.39 -2.70 -10.43
CA GLU A 9 11.26 -2.35 -11.32
C GLU A 9 11.11 -3.36 -12.46
N HIS A 10 12.20 -4.04 -12.81
CA HIS A 10 12.11 -5.10 -13.79
C HIS A 10 11.18 -6.19 -13.39
N GLN A 11 11.03 -6.44 -12.10
CA GLN A 11 10.07 -7.44 -11.67
C GLN A 11 8.65 -7.05 -12.11
N TYR A 12 8.34 -5.76 -11.97
CA TYR A 12 7.06 -5.19 -12.37
C TYR A 12 6.87 -5.29 -13.89
N LEU A 13 7.90 -4.89 -14.64
CA LEU A 13 7.82 -4.88 -16.08
C LEU A 13 7.71 -6.29 -16.68
N ASP A 14 8.48 -7.21 -16.12
CA ASP A 14 8.41 -8.61 -16.49
C ASP A 14 7.02 -9.18 -16.19
N LEU A 15 6.43 -8.82 -15.07
CA LEU A 15 5.10 -9.31 -14.73
C LEU A 15 4.11 -8.74 -15.80
N VAL A 16 4.25 -7.46 -16.17
CA VAL A 16 3.43 -6.91 -17.21
C VAL A 16 3.59 -7.65 -18.55
N LYS A 17 4.84 -7.90 -18.93
CA LYS A 17 5.14 -8.61 -20.18
C LYS A 17 4.49 -9.97 -20.13
N HIS A 18 4.56 -10.61 -18.97
CA HIS A 18 4.07 -11.97 -18.79
C HIS A 18 2.54 -11.97 -18.99
N ILE A 19 1.86 -10.98 -18.42
CA ILE A 19 0.42 -10.89 -18.56
C ILE A 19 0.07 -10.62 -20.01
N LEU A 20 0.82 -9.75 -20.68
CA LEU A 20 0.57 -9.41 -22.09
C LEU A 20 0.72 -10.61 -23.00
N GLU A 21 1.70 -11.44 -22.71
CA GLU A 21 2.07 -12.55 -23.59
C GLU A 21 1.38 -13.85 -23.25
N ASN A 22 1.13 -14.07 -21.97
CA ASN A 22 0.55 -15.34 -21.52
C ASN A 22 -0.68 -15.21 -20.62
N GLY A 23 -1.21 -14.01 -20.43
CA GLY A 23 -2.43 -13.82 -19.67
C GLY A 23 -3.68 -14.42 -20.28
N ALA A 24 -4.63 -14.82 -19.42
CA ALA A 24 -5.91 -15.34 -19.87
C ALA A 24 -6.82 -14.16 -20.25
N ARG A 25 -7.84 -14.44 -21.06
CA ARG A 25 -8.84 -13.44 -21.37
C ARG A 25 -10.12 -13.73 -20.58
N ARG A 26 -10.50 -12.80 -19.72
CA ARG A 26 -11.67 -12.98 -18.88
C ARG A 26 -12.44 -11.64 -18.84
N MET A 27 -13.78 -11.69 -18.75
CA MET A 27 -14.62 -10.45 -18.62
C MET A 27 -15.29 -10.42 -17.24
N THR A 32 -15.94 -4.90 -19.13
CA THR A 32 -14.55 -4.53 -19.48
C THR A 32 -13.63 -5.77 -19.42
N GLY A 33 -13.02 -6.11 -20.55
CA GLY A 33 -12.12 -7.25 -20.61
C GLY A 33 -10.80 -7.01 -19.92
N THR A 34 -10.10 -8.09 -19.60
CA THR A 34 -8.72 -8.02 -19.16
C THR A 34 -7.88 -9.22 -19.63
N LEU A 35 -6.58 -9.06 -19.48
CA LEU A 35 -5.62 -10.15 -19.59
C LEU A 35 -5.13 -10.37 -18.18
N SER A 36 -4.92 -11.64 -17.80
CA SER A 36 -4.62 -11.92 -16.40
C SER A 36 -3.88 -13.21 -16.15
N VAL A 37 -3.16 -13.20 -15.04
CA VAL A 37 -2.47 -14.37 -14.51
C VAL A 37 -2.78 -14.42 -13.03
N PHE A 38 -2.49 -15.56 -12.41
CA PHE A 38 -2.85 -15.70 -11.05
C PHE A 38 -1.65 -16.14 -10.28
N GLY A 39 -1.31 -15.42 -9.23
CA GLY A 39 -0.17 -15.83 -8.39
C GLY A 39 1.10 -15.16 -8.86
N ALA A 40 1.48 -14.08 -8.20
CA ALA A 40 2.75 -13.40 -8.55
C ALA A 40 3.32 -12.74 -7.29
N THR A 41 4.62 -12.45 -7.34
CA THR A 41 5.35 -11.87 -6.25
C THR A 41 6.32 -10.82 -6.82
N MET A 42 6.49 -9.73 -6.11
CA MET A 42 7.54 -8.77 -6.42
C MET A 42 8.05 -8.38 -5.04
N ARG A 43 9.33 -8.08 -4.93
CA ARG A 43 9.87 -7.55 -3.69
C ARG A 43 10.84 -6.39 -3.93
N PHE A 44 10.80 -5.43 -3.02
CA PHE A 44 11.52 -4.20 -3.14
C PHE A 44 12.25 -3.88 -1.88
N SER A 45 13.55 -3.64 -2.01
CA SER A 45 14.35 -3.25 -0.87
C SER A 45 14.01 -1.82 -0.56
N LEU A 46 13.91 -1.54 0.74
CA LEU A 46 13.70 -0.18 1.27
C LEU A 46 14.95 0.29 2.00
N GLU A 47 16.07 -0.40 1.84
CA GLU A 47 17.33 0.00 2.42
C GLU A 47 17.91 1.24 1.76
N ASP A 48 18.75 1.94 2.51
CA ASP A 48 19.36 3.18 2.07
C ASP A 48 18.29 4.13 1.57
N ASN A 49 17.15 4.18 2.25
CA ASN A 49 16.11 5.16 1.93
C ASN A 49 15.44 4.93 0.57
N THR A 50 15.67 3.76 -0.05
CA THR A 50 15.07 3.44 -1.32
C THR A 50 13.58 3.44 -1.13
N PHE A 51 12.90 4.13 -2.05
CA PHE A 51 11.44 4.18 -2.08
C PHE A 51 10.95 3.77 -3.46
N PRO A 52 10.31 2.59 -3.56
CA PRO A 52 9.96 2.04 -4.86
C PRO A 52 8.75 2.70 -5.53
N LEU A 53 8.96 3.95 -5.94
CA LEU A 53 7.99 4.73 -6.69
C LEU A 53 8.34 4.52 -8.17
N LEU A 54 7.49 3.86 -8.93
CA LEU A 54 7.87 3.44 -10.25
C LEU A 54 8.30 4.62 -11.14
N THR A 55 9.35 4.37 -11.92
CA THR A 55 9.96 5.34 -12.82
C THR A 55 9.44 5.23 -14.25
N THR A 56 8.98 4.07 -14.67
CA THR A 56 8.59 3.93 -16.06
C THR A 56 7.32 4.66 -16.39
N ARG A 57 6.59 5.10 -15.37
CA ARG A 57 5.45 5.98 -15.51
C ARG A 57 5.17 6.63 -14.15
N ARG A 58 5.02 7.95 -14.15
CA ARG A 58 4.84 8.71 -12.93
C ARG A 58 3.69 8.17 -12.08
N VAL A 59 3.97 7.99 -10.79
CA VAL A 59 2.99 7.54 -9.83
C VAL A 59 2.56 8.73 -8.99
N PHE A 60 1.28 8.79 -8.67
CA PHE A 60 0.73 9.93 -7.94
C PHE A 60 1.16 9.97 -6.46
N TYR A 61 2.39 10.40 -6.23
CA TYR A 61 3.01 10.41 -4.91
C TYR A 61 2.15 11.11 -3.85
N ARG A 62 1.62 12.28 -4.18
CA ARG A 62 0.84 13.00 -3.19
C ARG A 62 -0.38 12.18 -2.77
N GLY A 63 -1.02 11.54 -3.74
CA GLY A 63 -2.12 10.63 -3.47
C GLY A 63 -1.71 9.50 -2.56
N VAL A 64 -0.58 8.84 -2.87
CA VAL A 64 -0.08 7.76 -2.01
C VAL A 64 -0.03 8.21 -0.56
N VAL A 65 0.60 9.35 -0.34
CA VAL A 65 0.86 9.79 1.01
C VAL A 65 -0.43 10.15 1.74
N GLU A 66 -1.20 11.05 1.16
CA GLU A 66 -2.42 11.55 1.79
C GLU A 66 -3.42 10.41 2.06
N GLU A 67 -3.54 9.52 1.11
CA GLU A 67 -4.43 8.39 1.24
C GLU A 67 -3.95 7.38 2.30
N LEU A 68 -2.65 7.15 2.42
CA LEU A 68 -2.16 6.37 3.54
C LEU A 68 -2.42 7.10 4.87
N LEU A 69 -2.10 8.37 5.00
CA LEU A 69 -2.32 9.04 6.29
C LEU A 69 -3.82 9.04 6.67
N PHE A 70 -4.67 9.21 5.67
CA PHE A 70 -6.14 9.14 5.79
C PHE A 70 -6.58 7.78 6.31
N PHE A 71 -6.15 6.70 5.68
CA PHE A 71 -6.46 5.36 6.21
C PHE A 71 -5.93 5.17 7.64
N LEU A 72 -4.73 5.69 7.92
CA LEU A 72 -4.17 5.52 9.26
C LEU A 72 -4.94 6.33 10.34
N ARG A 73 -5.62 7.39 9.94
CA ARG A 73 -6.52 8.10 10.86
C ARG A 73 -7.86 7.36 11.02
N GLY A 74 -8.08 6.34 10.18
CA GLY A 74 -9.29 5.54 10.27
C GLY A 74 -10.47 6.25 9.64
N GLU A 75 -10.19 7.22 8.78
CA GLU A 75 -11.24 8.06 8.21
C GLU A 75 -11.80 7.40 6.98
N THR A 76 -13.05 7.72 6.66
CA THR A 76 -13.80 7.02 5.62
C THR A 76 -14.66 7.98 4.82
N ASP A 77 -14.20 9.23 4.73
CA ASP A 77 -14.98 10.31 4.10
C ASP A 77 -14.10 11.00 3.08
N SER A 78 -14.36 10.74 1.80
CA SER A 78 -13.46 11.18 0.73
C SER A 78 -13.46 12.69 0.50
N LYS A 79 -14.25 13.41 1.30
CA LYS A 79 -14.20 14.87 1.35
C LYS A 79 -12.87 15.34 1.98
N VAL A 80 -12.38 14.66 3.01
CA VAL A 80 -11.03 14.92 3.56
C VAL A 80 -9.96 14.95 2.46
N LEU A 81 -9.99 13.93 1.61
CA LEU A 81 -9.01 13.74 0.54
C LEU A 81 -9.18 14.79 -0.53
N GLU A 82 -10.44 15.04 -0.92
CA GLU A 82 -10.78 15.99 -1.98
C GLU A 82 -10.21 17.36 -1.66
N LYS A 83 -10.35 17.78 -0.41
CA LYS A 83 -9.84 19.08 0.05
C LYS A 83 -8.31 19.10 0.25
N LYS A 84 -7.63 18.04 -0.21
CA LYS A 84 -6.17 17.98 -0.27
C LYS A 84 -5.64 17.66 -1.67
N GLY A 85 -6.49 17.83 -2.68
CA GLY A 85 -6.09 17.71 -4.07
C GLY A 85 -5.99 16.27 -4.56
N VAL A 86 -6.74 15.38 -3.91
CA VAL A 86 -6.69 13.94 -4.16
C VAL A 86 -8.10 13.34 -4.33
N ARG A 87 -8.30 12.63 -5.45
CA ARG A 87 -9.56 11.94 -5.73
C ARG A 87 -9.59 10.53 -5.15
N ASP A 109 -19.07 9.56 1.63
CA ASP A 109 -18.95 8.36 2.46
C ASP A 109 -18.51 7.18 1.60
N LEU A 110 -17.36 6.61 1.93
CA LEU A 110 -16.81 5.48 1.18
C LEU A 110 -17.18 4.13 1.79
N GLY A 111 -17.68 4.15 3.02
CA GLY A 111 -18.02 2.93 3.74
C GLY A 111 -16.87 2.38 4.56
N PRO A 112 -16.95 1.10 4.95
CA PRO A 112 -15.93 0.55 5.83
C PRO A 112 -14.72 0.03 5.03
N ILE A 113 -14.09 0.96 4.31
CA ILE A 113 -12.83 0.69 3.60
C ILE A 113 -11.65 0.56 4.58
N TYR A 114 -10.43 0.57 4.04
CA TYR A 114 -9.23 0.05 4.73
C TYR A 114 -9.04 0.51 6.13
N GLY A 115 -8.90 1.81 6.31
CA GLY A 115 -8.68 2.37 7.62
C GLY A 115 -9.65 1.89 8.67
N PHE A 116 -10.95 1.87 8.34
CA PHE A 116 -11.94 1.34 9.25
C PHE A 116 -11.61 -0.08 9.69
N GLN A 117 -11.32 -0.93 8.72
CA GLN A 117 -10.98 -2.34 9.00
C GLN A 117 -9.69 -2.46 9.81
N TRP A 118 -8.74 -1.60 9.47
CA TRP A 118 -7.45 -1.60 10.12
C TRP A 118 -7.61 -1.21 11.57
N ARG A 119 -8.35 -0.15 11.80
CA ARG A 119 -8.39 0.46 13.11
C ARG A 119 -9.61 0.10 13.96
N HIS A 120 -10.70 -0.37 13.35
CA HIS A 120 -11.95 -0.69 14.04
C HIS A 120 -12.57 -1.99 13.51
N PHE A 121 -11.76 -3.02 13.36
CA PHE A 121 -12.23 -4.26 12.79
C PHE A 121 -13.38 -4.85 13.61
N GLY A 122 -14.47 -5.19 12.92
CA GLY A 122 -15.62 -5.81 13.59
C GLY A 122 -16.64 -4.87 14.23
N ALA A 123 -16.39 -3.55 14.15
CA ALA A 123 -17.38 -2.56 14.65
C ALA A 123 -18.51 -2.44 13.63
N ARG A 124 -19.71 -2.10 14.10
CA ARG A 124 -20.82 -1.83 13.20
C ARG A 124 -20.51 -0.50 12.52
N TYR A 125 -20.43 -0.50 11.20
CA TYR A 125 -20.17 0.72 10.46
C TYR A 125 -21.46 1.46 10.17
N GLU A 126 -21.48 2.73 10.52
CA GLU A 126 -22.70 3.53 10.42
C GLU A 126 -22.53 4.59 9.31
N THR A 127 -21.85 5.69 9.61
CA THR A 127 -21.55 6.72 8.60
C THR A 127 -20.10 7.23 8.68
N SER A 128 -19.67 7.92 7.63
CA SER A 128 -18.32 8.52 7.55
C SER A 128 -18.13 9.66 8.54
N ALA A 129 -19.22 10.35 8.83
CA ALA A 129 -19.21 11.46 9.79
C ALA A 129 -19.29 11.01 11.25
N SER A 130 -19.19 9.71 11.51
CA SER A 130 -19.51 9.15 12.83
C SER A 130 -18.25 8.77 13.62
N SER A 131 -18.39 8.57 14.94
CA SER A 131 -17.22 8.24 15.78
C SER A 131 -17.16 6.77 16.20
N TYR A 132 -15.96 6.22 16.14
CA TYR A 132 -15.69 4.80 16.40
C TYR A 132 -14.57 4.55 17.44
N GLU A 133 -14.12 5.60 18.12
CA GLU A 133 -13.09 5.47 19.16
C GLU A 133 -13.53 4.41 20.18
N GLY A 134 -12.70 3.38 20.38
CA GLY A 134 -13.03 2.28 21.30
C GLY A 134 -13.97 1.21 20.73
N LYS A 135 -14.24 1.29 19.43
CA LYS A 135 -15.10 0.31 18.76
C LYS A 135 -14.25 -0.49 17.78
N GLY A 136 -14.34 -1.81 17.89
CA GLY A 136 -13.64 -2.71 17.00
C GLY A 136 -12.19 -2.81 17.42
N VAL A 137 -11.46 -3.69 16.74
CA VAL A 137 -10.07 -3.94 17.09
C VAL A 137 -9.15 -2.99 16.32
N ASP A 138 -8.31 -2.27 17.08
CA ASP A 138 -7.26 -1.44 16.48
C ASP A 138 -6.05 -2.29 16.15
N GLN A 139 -6.14 -2.94 15.01
CA GLN A 139 -5.07 -3.81 14.54
C GLN A 139 -3.74 -3.08 14.35
N ILE A 140 -3.80 -1.80 13.99
CA ILE A 140 -2.58 -1.00 13.76
C ILE A 140 -1.82 -0.77 15.06
N ALA A 141 -2.55 -0.35 16.08
CA ALA A 141 -1.98 -0.08 17.40
C ALA A 141 -1.44 -1.39 17.95
N SER A 142 -2.18 -2.46 17.69
CA SER A 142 -1.77 -3.75 18.17
C SER A 142 -0.47 -4.21 17.50
N ALA A 143 -0.31 -3.88 16.21
CA ALA A 143 0.87 -4.26 15.43
C ALA A 143 2.11 -3.48 15.87
N ILE A 144 1.96 -2.18 16.07
CA ILE A 144 3.07 -1.34 16.54
C ILE A 144 3.51 -1.76 17.95
N ALA A 145 2.54 -2.05 18.82
CA ALA A 145 2.88 -2.53 20.16
C ALA A 145 3.68 -3.83 20.07
N ALA A 146 3.21 -4.78 19.25
CA ALA A 146 3.92 -6.04 19.09
C ALA A 146 5.32 -5.80 18.53
N ILE A 147 5.45 -4.94 17.53
CA ILE A 147 6.77 -4.62 17.02
C ILE A 147 7.71 -4.17 18.14
N ARG A 148 7.21 -3.41 19.12
CA ARG A 148 8.06 -2.87 20.19
C ARG A 148 8.34 -3.88 21.27
N ALA A 149 7.35 -4.69 21.64
CA ALA A 149 7.49 -5.61 22.79
C ALA A 149 8.03 -6.93 22.38
N ASN A 150 7.66 -7.37 21.18
CA ASN A 150 8.02 -8.71 20.70
C ASN A 150 8.36 -8.70 19.20
N PRO A 151 9.46 -8.01 18.83
CA PRO A 151 9.81 -7.77 17.46
C PRO A 151 9.94 -9.06 16.61
N ALA A 152 10.37 -10.15 17.24
CA ALA A 152 10.51 -11.44 16.59
C ALA A 152 9.16 -12.15 16.33
N SER A 153 8.05 -11.51 16.67
CA SER A 153 6.76 -12.16 16.59
C SER A 153 6.47 -12.62 15.16
N ARG A 154 5.80 -13.75 15.04
CA ARG A 154 5.33 -14.22 13.71
C ARG A 154 3.84 -13.95 13.49
N ARG A 155 3.24 -13.19 14.40
CA ARG A 155 1.77 -12.96 14.41
C ARG A 155 1.39 -11.48 14.27
N ILE A 156 2.30 -10.66 13.72
CA ILE A 156 2.04 -9.22 13.52
C ILE A 156 1.31 -9.04 12.21
N VAL A 157 0.04 -9.42 12.21
CA VAL A 157 -0.76 -9.46 11.02
C VAL A 157 -1.89 -8.44 11.15
N VAL A 158 -2.22 -7.80 10.05
CA VAL A 158 -3.32 -6.88 10.00
C VAL A 158 -4.21 -7.30 8.84
N SER A 159 -5.50 -7.48 9.09
CA SER A 159 -6.42 -7.93 8.03
C SER A 159 -7.44 -6.87 7.70
N ALA A 160 -7.71 -6.69 6.42
CA ALA A 160 -8.79 -5.83 5.99
C ALA A 160 -10.02 -6.61 5.52
N TRP A 161 -10.02 -7.93 5.77
CA TRP A 161 -11.05 -8.83 5.20
C TRP A 161 -12.05 -9.32 6.26
N ASN A 162 -13.28 -8.84 6.20
CA ASN A 162 -14.30 -9.19 7.21
C ASN A 162 -15.54 -9.69 6.50
N PRO A 163 -15.67 -11.02 6.38
CA PRO A 163 -16.76 -11.59 5.62
C PRO A 163 -18.15 -11.45 6.24
N THR A 164 -18.24 -10.98 7.48
CA THR A 164 -19.54 -10.67 8.08
C THR A 164 -20.04 -9.27 7.70
N ASP A 165 -19.13 -8.40 7.25
CA ASP A 165 -19.49 -7.02 6.84
C ASP A 165 -19.95 -7.03 5.36
N LEU A 166 -21.24 -7.25 5.16
CA LEU A 166 -21.86 -7.36 3.83
C LEU A 166 -21.61 -6.13 2.94
N GLY A 167 -21.51 -4.95 3.58
CA GLY A 167 -21.21 -3.69 2.89
C GLY A 167 -19.83 -3.76 2.27
N SER A 168 -18.84 -3.98 3.12
CA SER A 168 -17.49 -4.30 2.65
C SER A 168 -17.57 -5.38 1.58
N MET A 169 -18.27 -6.49 1.86
CA MET A 169 -18.22 -7.67 0.98
C MET A 169 -18.83 -7.44 -0.41
N ALA A 170 -19.60 -6.37 -0.59
CA ALA A 170 -20.16 -6.05 -1.92
C ALA A 170 -19.13 -5.30 -2.80
N LEU A 171 -18.16 -4.61 -2.16
CA LEU A 171 -17.00 -3.99 -2.84
C LEU A 171 -15.76 -4.10 -1.93
N PRO A 172 -15.18 -5.29 -1.88
CA PRO A 172 -14.21 -5.60 -0.84
C PRO A 172 -12.81 -5.06 -1.14
N PRO A 173 -11.99 -4.89 -0.10
CA PRO A 173 -10.57 -4.50 -0.30
C PRO A 173 -9.80 -5.43 -1.24
N CYS A 174 -9.03 -4.83 -2.13
CA CYS A 174 -8.08 -5.52 -3.01
C CYS A 174 -6.89 -5.95 -2.20
N HIS A 175 -6.48 -5.14 -1.23
CA HIS A 175 -5.31 -5.49 -0.41
C HIS A 175 -5.76 -5.98 0.92
N VAL A 176 -5.61 -7.27 1.06
CA VAL A 176 -6.48 -8.06 1.85
C VAL A 176 -5.91 -8.17 3.25
N LEU A 177 -4.60 -8.30 3.31
CA LEU A 177 -3.93 -8.53 4.55
C LEU A 177 -2.47 -8.16 4.39
N PHE A 178 -1.83 -7.80 5.50
CA PHE A 178 -0.40 -7.60 5.54
C PHE A 178 0.24 -8.03 6.87
N GLN A 179 1.54 -8.30 6.83
CA GLN A 179 2.30 -8.81 7.97
C GLN A 179 3.57 -8.02 8.10
N PHE A 180 3.91 -7.63 9.31
CA PHE A 180 5.20 -7.00 9.56
C PHE A 180 6.14 -8.01 10.14
N ASN A 181 7.42 -7.79 9.90
CA ASN A 181 8.50 -8.67 10.34
C ASN A 181 9.66 -7.82 10.76
N VAL A 182 10.25 -8.13 11.90
CA VAL A 182 11.46 -7.43 12.31
C VAL A 182 12.59 -8.45 12.35
N THR A 183 13.66 -8.18 11.60
CA THR A 183 14.81 -9.03 11.54
C THR A 183 16.01 -8.11 11.46
N ASP A 184 17.01 -8.34 12.33
CA ASP A 184 18.21 -7.54 12.36
C ASP A 184 17.97 -6.03 12.36
N GLY A 185 17.04 -5.59 13.18
CA GLY A 185 16.72 -4.16 13.30
C GLY A 185 16.01 -3.54 12.09
N LYS A 186 15.47 -4.36 11.19
CA LYS A 186 14.85 -3.88 9.95
C LYS A 186 13.40 -4.28 9.95
N LEU A 187 12.50 -3.32 9.70
CA LEU A 187 11.07 -3.65 9.52
C LEU A 187 10.76 -3.99 8.08
N SER A 188 10.18 -5.18 7.85
CA SER A 188 9.71 -5.54 6.53
C SER A 188 8.20 -5.78 6.57
N CYS A 189 7.59 -5.79 5.41
CA CYS A 189 6.13 -5.89 5.30
C CYS A 189 5.80 -6.78 4.14
N ALA A 190 4.82 -7.66 4.28
CA ALA A 190 4.33 -8.45 3.14
C ALA A 190 2.84 -8.23 3.08
N MET A 191 2.33 -8.04 1.86
CA MET A 191 0.93 -7.72 1.68
C MET A 191 0.42 -8.68 0.62
N TYR A 192 -0.71 -9.29 0.91
CA TYR A 192 -1.41 -10.14 -0.03
C TYR A 192 -2.52 -9.35 -0.71
N GLN A 193 -2.43 -9.20 -2.02
CA GLN A 193 -3.42 -8.47 -2.80
C GLN A 193 -4.20 -9.43 -3.68
N ARG A 194 -5.52 -9.49 -3.49
CA ARG A 194 -6.36 -10.50 -4.15
C ARG A 194 -6.52 -10.26 -5.62
N SER A 195 -6.40 -8.99 -6.00
CA SER A 195 -6.61 -8.54 -7.37
C SER A 195 -5.91 -7.24 -7.53
N GLY A 196 -5.17 -7.09 -8.62
CA GLY A 196 -4.55 -5.81 -8.91
C GLY A 196 -4.44 -5.49 -10.38
N ASP A 197 -4.77 -4.25 -10.76
CA ASP A 197 -4.55 -3.80 -12.10
C ASP A 197 -3.13 -3.26 -12.13
N MET A 198 -2.38 -3.78 -13.08
CA MET A 198 -0.98 -3.44 -13.26
C MET A 198 -0.73 -2.01 -13.67
N GLY A 199 -1.66 -1.42 -14.39
CA GLY A 199 -1.46 -0.09 -14.94
C GLY A 199 -1.32 0.99 -13.87
N LEU A 200 -2.24 0.99 -12.92
CA LEU A 200 -2.45 2.12 -12.05
C LEU A 200 -2.38 1.67 -10.60
N GLY A 201 -3.23 0.70 -10.26
CA GLY A 201 -3.40 0.22 -8.92
C GLY A 201 -2.14 -0.38 -8.32
N VAL A 202 -1.46 -1.27 -9.05
CA VAL A 202 -0.35 -1.99 -8.46
C VAL A 202 0.84 -1.06 -8.15
N PRO A 203 1.22 -0.17 -9.08
CA PRO A 203 2.30 0.75 -8.73
C PRO A 203 1.94 1.63 -7.51
N PHE A 204 0.67 2.04 -7.42
CA PHE A 204 0.21 2.85 -6.33
C PHE A 204 0.37 2.07 -5.05
N ASN A 205 -0.02 0.79 -5.09
CA ASN A 205 -0.01 -0.03 -3.90
C ASN A 205 1.39 -0.37 -3.44
N ILE A 206 2.32 -0.54 -4.36
CA ILE A 206 3.68 -0.77 -3.99
C ILE A 206 4.17 0.44 -3.20
N ALA A 207 3.90 1.64 -3.72
CA ALA A 207 4.25 2.87 -3.02
C ALA A 207 3.64 2.92 -1.63
N SER A 208 2.35 2.62 -1.53
CA SER A 208 1.65 2.83 -0.24
C SER A 208 2.17 1.91 0.85
N TYR A 209 2.29 0.63 0.57
CA TYR A 209 2.82 -0.30 1.59
C TYR A 209 4.28 -0.10 1.88
N SER A 210 5.06 0.28 0.88
CA SER A 210 6.42 0.65 1.13
C SER A 210 6.46 1.84 2.11
N LEU A 211 5.58 2.84 1.89
CA LEU A 211 5.54 4.03 2.72
C LEU A 211 5.05 3.70 4.15
N LEU A 212 4.10 2.79 4.26
CA LEU A 212 3.64 2.32 5.59
C LEU A 212 4.78 1.69 6.39
N THR A 213 5.61 0.90 5.73
CA THR A 213 6.77 0.26 6.34
C THR A 213 7.78 1.29 6.80
N ILE A 214 8.07 2.27 5.93
CA ILE A 214 8.99 3.37 6.27
C ILE A 214 8.48 4.19 7.45
N LEU A 215 7.19 4.51 7.40
CA LEU A 215 6.54 5.30 8.44
C LEU A 215 6.63 4.54 9.76
N VAL A 216 6.23 3.27 9.74
CA VAL A 216 6.25 2.46 10.96
C VAL A 216 7.68 2.18 11.42
N ALA A 217 8.60 1.98 10.48
CA ALA A 217 9.97 1.78 10.88
C ALA A 217 10.44 2.99 11.70
N HIS A 218 10.14 4.19 11.22
CA HIS A 218 10.57 5.44 11.89
C HIS A 218 9.95 5.55 13.27
N LEU A 219 8.64 5.38 13.31
CA LEU A 219 7.89 5.43 14.53
C LEU A 219 8.44 4.49 15.62
N THR A 220 8.91 3.31 15.23
CA THR A 220 9.36 2.28 16.16
C THR A 220 10.89 2.23 16.34
N GLY A 221 11.63 3.14 15.73
CA GLY A 221 13.07 3.19 15.89
C GLY A 221 13.86 2.19 15.06
N LEU A 222 13.21 1.62 14.06
CA LEU A 222 13.81 0.56 13.27
C LEU A 222 14.24 1.14 11.94
N GLN A 223 14.94 0.36 11.13
CA GLN A 223 15.25 0.77 9.76
C GLN A 223 14.34 -0.01 8.81
N PRO A 224 13.97 0.58 7.67
CA PRO A 224 13.10 -0.23 6.81
C PRO A 224 13.89 -1.33 6.13
N GLY A 225 13.23 -2.48 5.93
CA GLY A 225 13.88 -3.63 5.33
C GLY A 225 13.42 -3.78 3.89
N GLU A 226 12.32 -4.49 3.73
CA GLU A 226 11.80 -4.88 2.44
C GLU A 226 10.27 -4.80 2.40
N PHE A 227 9.72 -4.54 1.22
CA PHE A 227 8.29 -4.73 0.97
C PHE A 227 8.14 -5.92 0.02
N VAL A 228 7.32 -6.90 0.42
CA VAL A 228 7.11 -8.10 -0.38
C VAL A 228 5.64 -8.12 -0.83
N HIS A 229 5.42 -8.18 -2.14
CA HIS A 229 4.10 -8.00 -2.67
C HIS A 229 3.67 -9.35 -3.23
N PHE A 230 2.59 -9.89 -2.70
CA PHE A 230 2.03 -11.14 -3.20
C PHE A 230 0.69 -10.83 -3.86
N LEU A 231 0.47 -11.38 -5.04
CA LEU A 231 -0.73 -11.04 -5.79
C LEU A 231 -1.46 -12.31 -6.16
N GLY A 232 -2.76 -12.29 -6.03
CA GLY A 232 -3.62 -13.32 -6.56
C GLY A 232 -3.86 -13.00 -8.01
N ASP A 233 -4.99 -12.37 -8.33
CA ASP A 233 -5.24 -12.02 -9.73
C ASP A 233 -4.48 -10.74 -10.09
N ALA A 234 -3.70 -10.82 -11.15
CA ALA A 234 -2.89 -9.71 -11.61
C ALA A 234 -3.36 -9.55 -13.02
N HIS A 235 -3.94 -8.39 -13.31
CA HIS A 235 -4.59 -8.18 -14.56
C HIS A 235 -4.20 -6.86 -15.17
N VAL A 236 -4.22 -6.87 -16.50
CA VAL A 236 -4.06 -5.70 -17.35
C VAL A 236 -5.35 -5.44 -18.09
N TYR A 237 -5.84 -4.21 -18.04
CA TYR A 237 -7.02 -3.82 -18.86
C TYR A 237 -6.67 -3.71 -20.34
N LEU A 238 -7.60 -4.13 -21.16
CA LEU A 238 -7.42 -4.10 -22.61
C LEU A 238 -7.09 -2.73 -23.13
N ASP A 239 -7.72 -1.69 -22.59
CA ASP A 239 -7.46 -0.35 -23.13
C ASP A 239 -6.11 0.19 -22.68
N HIS A 240 -5.43 -0.49 -21.76
CA HIS A 240 -4.07 -0.12 -21.37
C HIS A 240 -2.97 -0.95 -22.04
N VAL A 241 -3.34 -1.95 -22.85
CA VAL A 241 -2.35 -2.76 -23.52
C VAL A 241 -1.30 -1.95 -24.27
N ASP A 242 -1.74 -1.04 -25.12
CA ASP A 242 -0.82 -0.34 -26.03
C ASP A 242 0.15 0.52 -25.25
N SER A 243 -0.36 1.22 -24.26
CA SER A 243 0.47 2.05 -23.42
C SER A 243 1.40 1.20 -22.56
N LEU A 244 0.91 0.09 -22.02
CA LEU A 244 1.78 -0.74 -21.22
C LEU A 244 2.93 -1.31 -22.04
N ARG A 245 2.69 -1.67 -23.30
CA ARG A 245 3.81 -2.23 -24.09
C ARG A 245 4.86 -1.21 -24.54
N GLN A 246 4.46 0.05 -24.69
CA GLN A 246 5.43 1.14 -24.84
C GLN A 246 6.19 1.32 -23.51
N GLN A 247 5.45 1.41 -22.40
CA GLN A 247 6.09 1.59 -21.09
C GLN A 247 7.17 0.57 -20.83
N ILE A 248 6.90 -0.71 -21.07
CA ILE A 248 7.85 -1.71 -20.71
C ILE A 248 9.14 -1.81 -21.57
N GLN A 249 9.27 -1.07 -22.69
CA GLN A 249 10.59 -0.93 -23.34
C GLN A 249 11.46 0.18 -22.77
N ARG A 250 10.90 1.02 -21.91
CA ARG A 250 11.70 2.05 -21.26
C ARG A 250 12.58 1.41 -20.17
N PRO A 251 13.89 1.71 -20.18
CA PRO A 251 14.78 1.25 -19.08
C PRO A 251 14.40 1.94 -17.77
N PRO A 252 14.20 1.19 -16.70
CA PRO A 252 13.83 1.93 -15.50
C PRO A 252 14.96 2.84 -15.06
N ARG A 253 14.65 3.84 -14.25
CA ARG A 253 15.66 4.66 -13.64
C ARG A 253 15.74 4.29 -12.18
N ALA A 254 16.88 4.51 -11.55
CA ALA A 254 17.04 4.30 -10.13
C ALA A 254 15.86 4.91 -9.40
N PHE A 255 15.32 4.17 -8.44
CA PHE A 255 14.28 4.64 -7.57
C PHE A 255 14.65 5.91 -6.77
N PRO A 256 13.62 6.68 -6.39
CA PRO A 256 13.88 7.78 -5.53
C PRO A 256 14.29 7.33 -4.15
N LYS A 257 14.78 8.28 -3.38
CA LYS A 257 14.93 8.10 -1.97
C LYS A 257 13.80 8.81 -1.21
N LEU A 258 13.46 8.26 -0.05
CA LEU A 258 12.46 8.90 0.80
C LEU A 258 13.00 9.05 2.20
N PHE A 259 12.96 10.28 2.70
CA PHE A 259 13.43 10.60 4.04
C PHE A 259 12.29 10.97 4.95
N VAL A 260 12.31 10.45 6.17
CA VAL A 260 11.30 10.83 7.12
C VAL A 260 11.96 11.87 8.02
N SER A 261 11.47 13.12 7.97
CA SER A 261 11.99 14.21 8.83
C SER A 261 10.82 14.97 9.44
N PRO A 262 10.27 14.44 10.52
CA PRO A 262 9.06 15.06 11.05
C PRO A 262 9.28 16.53 11.46
N LYS A 263 8.24 17.31 11.24
CA LYS A 263 8.27 18.74 11.53
C LYS A 263 7.98 19.01 13.00
N GLY A 264 7.40 18.02 13.69
CA GLY A 264 7.32 17.97 15.15
C GLY A 264 7.30 16.52 15.63
N PRO A 265 7.04 16.30 16.94
CA PRO A 265 7.09 14.92 17.45
C PRO A 265 5.96 14.01 16.92
N ARG A 266 6.28 12.75 16.67
CA ARG A 266 5.31 11.79 16.16
C ARG A 266 5.36 10.53 17.02
N THR A 267 4.32 10.32 17.82
CA THR A 267 4.26 9.19 18.74
C THR A 267 3.24 8.14 18.33
N GLU A 268 2.38 8.47 17.35
CA GLU A 268 1.39 7.54 16.80
C GLU A 268 1.36 7.72 15.27
N PRO A 269 0.97 6.70 14.52
CA PRO A 269 1.04 6.78 13.06
C PRO A 269 0.10 7.79 12.40
N GLU A 270 -1.08 7.97 12.99
CA GLU A 270 -2.04 9.02 12.56
C GLU A 270 -1.52 10.44 12.70
N HIS A 271 -0.43 10.61 13.46
CA HIS A 271 0.14 11.94 13.63
C HIS A 271 0.94 12.38 12.41
N PHE A 272 1.36 11.46 11.55
CA PHE A 272 2.27 11.88 10.50
C PHE A 272 1.54 12.78 9.49
N GLN A 273 2.28 13.71 8.92
CA GLN A 273 1.78 14.69 7.98
C GLN A 273 2.56 14.55 6.66
N TYR A 274 1.93 14.94 5.57
CA TYR A 274 2.53 14.91 4.25
C TYR A 274 3.94 15.50 4.24
N GLU A 275 4.10 16.61 4.98
CA GLU A 275 5.33 17.39 4.97
C GLU A 275 6.49 16.68 5.66
N ASP A 276 6.19 15.67 6.47
CA ASP A 276 7.24 14.93 7.12
C ASP A 276 8.10 14.12 6.16
N PHE A 277 7.67 14.01 4.90
CA PHE A 277 8.35 13.12 3.95
C PHE A 277 8.98 13.93 2.80
N GLU A 278 10.30 13.83 2.63
CA GLU A 278 10.99 14.49 1.51
C GLU A 278 11.30 13.40 0.52
N LEU A 279 10.84 13.60 -0.72
CA LEU A 279 11.06 12.66 -1.81
C LEU A 279 12.24 13.19 -2.58
N VAL A 280 13.28 12.39 -2.73
CA VAL A 280 14.49 12.85 -3.38
C VAL A 280 14.81 11.98 -4.60
N GLY A 281 15.12 12.66 -5.71
CA GLY A 281 15.58 11.98 -6.93
C GLY A 281 14.53 11.19 -7.68
N TYR A 282 13.27 11.65 -7.62
CA TYR A 282 12.22 10.97 -8.38
C TYR A 282 12.18 11.52 -9.78
N ASP A 283 12.48 10.71 -10.77
CA ASP A 283 12.52 11.14 -12.15
C ASP A 283 11.85 10.13 -13.07
N PRO A 284 10.53 10.08 -13.07
CA PRO A 284 9.86 9.08 -13.89
C PRO A 284 9.92 9.45 -15.37
N HIS A 285 9.92 8.47 -16.30
CA HIS A 285 9.76 8.77 -17.74
C HIS A 285 8.46 9.56 -17.95
CL CL B . -4.04 -2.16 -16.50
#